data_3PZN
#
_entry.id   3PZN
#
_cell.length_a   55.110
_cell.length_b   83.689
_cell.length_c   93.210
_cell.angle_alpha   90.00
_cell.angle_beta   90.00
_cell.angle_gamma   90.00
#
_symmetry.space_group_name_H-M   'P 21 21 21'
#
loop_
_entity.id
_entity.type
_entity.pdbx_description
1 polymer 'Mannan endo-1,4-beta-mannosidase. Glycosyl Hydrolase family 5'
2 non-polymer 'CITRIC ACID'
3 non-polymer GLYCEROL
4 water water
#
_entity_poly.entity_id   1
_entity_poly.type   'polypeptide(L)'
_entity_poly.pdbx_seq_one_letter_code
;MGSSHHHHHHSSGLVPRGSHMLNGKEFRFIGSNNYYMHYKSNRMIDSVLESARDMGIKVLRIWGFLDGESYCRDKNTYMH
PEPGVFGVPEGISNAQNGFERLDYTIAKAKELGIKLIIVLVNNWDDFGGMNQYVRWFGGTHHDDFYRDERIKEEYKKYVS
FLINHVNVYTGVPYREEPTIMAWELANELRCETDKSGNTLVEWVKEMSSYIKSLDPNHLVAVGDEGFFSNYEGFKPYGGE
AEWAYNGWSGVDWKKLLSIETVDFGTFHLYPSHWGVSPENYAQWGAKWIEDHIKIAKEIGKPVVLEEYGIPKSAPVNRTA
IYRLWNDLVYDLGGDGAMFWMLAGIGEGSDRDERGYYPDYDGFRIVNDDSPEAELIREYAKLF
;
_entity_poly.pdbx_strand_id   A
#
loop_
_chem_comp.id
_chem_comp.type
_chem_comp.name
_chem_comp.formula
CIT non-polymer 'CITRIC ACID' 'C6 H8 O7'
GOL non-polymer GLYCEROL 'C3 H8 O3'
#
# COMPACT_ATOMS: atom_id res chain seq x y z
N HIS A 9 -13.71 19.89 -10.06
CA HIS A 9 -14.97 19.18 -10.32
C HIS A 9 -15.02 17.77 -9.73
N HIS A 10 -16.23 17.23 -9.72
CA HIS A 10 -16.54 15.91 -9.19
C HIS A 10 -15.88 14.75 -9.99
N SER A 11 -15.81 13.56 -9.33
CA SER A 11 -15.59 12.28 -9.99
C SER A 11 -16.97 11.74 -10.32
N SER A 12 -17.24 11.42 -11.59
CA SER A 12 -18.65 11.08 -11.98
C SER A 12 -19.30 9.93 -11.17
N GLY A 13 -18.41 9.02 -10.74
CA GLY A 13 -18.87 7.82 -10.08
C GLY A 13 -19.16 8.06 -8.61
N LEU A 14 -18.85 9.26 -8.06
CA LEU A 14 -19.14 9.53 -6.63
C LEU A 14 -20.16 10.69 -6.44
N PHE A 27 -14.26 10.14 6.87
CA PHE A 27 -15.18 9.08 6.32
C PHE A 27 -14.55 7.69 6.66
N ARG A 28 -15.34 6.62 6.72
CA ARG A 28 -14.85 5.24 7.08
C ARG A 28 -15.09 4.28 5.93
N PHE A 29 -14.24 3.25 5.75
CA PHE A 29 -14.37 2.51 4.51
C PHE A 29 -13.82 1.07 4.63
N ILE A 30 -14.34 0.21 3.79
CA ILE A 30 -13.68 -1.04 3.40
C ILE A 30 -12.84 -0.65 2.15
N GLY A 31 -11.60 -1.11 2.10
CA GLY A 31 -10.78 -0.90 0.93
C GLY A 31 -10.08 -2.19 0.50
N SER A 32 -9.21 -2.05 -0.48
CA SER A 32 -8.38 -3.20 -0.84
C SER A 32 -7.10 -2.69 -1.50
N ASN A 33 -6.30 -3.64 -2.01
CA ASN A 33 -4.99 -3.37 -2.62
C ASN A 33 -4.96 -4.06 -3.98
N ASN A 34 -4.20 -3.45 -4.90
CA ASN A 34 -3.93 -4.15 -6.14
C ASN A 34 -2.62 -3.55 -6.69
N TYR A 35 -1.66 -4.43 -6.98
CA TYR A 35 -0.34 -3.94 -7.38
C TYR A 35 -0.09 -3.87 -8.88
N TYR A 36 -1.08 -4.25 -9.69
CA TYR A 36 -0.78 -4.30 -11.13
C TYR A 36 -1.48 -3.23 -11.97
N MET A 37 -2.00 -2.21 -11.27
CA MET A 37 -2.78 -1.14 -11.93
C MET A 37 -1.91 -0.18 -12.75
N HIS A 38 -0.61 -0.31 -12.68
CA HIS A 38 0.28 0.54 -13.43
C HIS A 38 0.97 -0.17 -14.55
N TYR A 39 0.59 -1.44 -14.84
CA TYR A 39 1.26 -2.11 -16.00
C TYR A 39 0.39 -3.09 -16.74
N LYS A 40 -0.82 -3.36 -16.29
CA LYS A 40 -1.69 -4.30 -17.04
C LYS A 40 -2.61 -3.58 -18.05
N SER A 41 -3.42 -4.33 -18.79
CA SER A 41 -4.19 -3.74 -19.86
C SER A 41 -5.45 -3.03 -19.36
N ASN A 42 -6.08 -2.27 -20.26
CA ASN A 42 -7.35 -1.60 -19.89
C ASN A 42 -8.41 -2.63 -19.38
N ARG A 43 -8.51 -3.79 -20.07
CA ARG A 43 -9.50 -4.80 -19.68
C ARG A 43 -9.24 -5.24 -18.23
N MET A 44 -7.95 -5.47 -17.87
CA MET A 44 -7.68 -5.94 -16.52
C MET A 44 -7.85 -4.85 -15.47
N ILE A 45 -7.49 -3.62 -15.84
CA ILE A 45 -7.68 -2.47 -14.92
C ILE A 45 -9.18 -2.22 -14.69
N ASP A 46 -9.93 -2.22 -15.83
CA ASP A 46 -11.39 -1.95 -15.70
C ASP A 46 -11.98 -3.03 -14.80
N SER A 47 -11.54 -4.32 -14.96
CA SER A 47 -12.15 -5.40 -14.18
C SER A 47 -11.94 -5.19 -12.63
N VAL A 48 -10.70 -4.77 -12.23
CA VAL A 48 -10.47 -4.57 -10.80
C VAL A 48 -11.38 -3.42 -10.30
N LEU A 49 -11.43 -2.30 -11.04
CA LEU A 49 -12.21 -1.15 -10.50
C LEU A 49 -13.69 -1.39 -10.53
N GLU A 50 -14.13 -2.10 -11.58
CA GLU A 50 -15.57 -2.42 -11.62
C GLU A 50 -15.91 -3.39 -10.50
N SER A 51 -15.01 -4.35 -10.20
CA SER A 51 -15.24 -5.21 -9.03
C SER A 51 -15.28 -4.43 -7.75
N ALA A 52 -14.34 -3.50 -7.56
CA ALA A 52 -14.36 -2.71 -6.36
C ALA A 52 -15.70 -1.96 -6.23
N ARG A 53 -16.14 -1.33 -7.31
CA ARG A 53 -17.42 -0.60 -7.22
C ARG A 53 -18.58 -1.55 -6.94
N ASP A 54 -18.63 -2.70 -7.63
CA ASP A 54 -19.70 -3.62 -7.41
C ASP A 54 -19.73 -4.17 -5.97
N MET A 55 -18.55 -4.32 -5.36
CA MET A 55 -18.49 -4.87 -3.98
C MET A 55 -18.67 -3.84 -2.92
N GLY A 56 -18.67 -2.57 -3.30
CA GLY A 56 -18.73 -1.54 -2.27
C GLY A 56 -17.43 -1.07 -1.65
N ILE A 57 -16.32 -1.50 -2.27
CA ILE A 57 -14.98 -1.13 -1.84
C ILE A 57 -14.73 0.30 -2.28
N LYS A 58 -14.47 1.18 -1.32
CA LYS A 58 -14.42 2.64 -1.60
C LYS A 58 -13.00 3.10 -1.91
N VAL A 59 -11.96 2.38 -1.43
CA VAL A 59 -10.61 2.91 -1.56
C VAL A 59 -9.74 1.74 -2.06
N LEU A 60 -8.86 2.00 -3.04
CA LEU A 60 -7.92 0.96 -3.56
C LEU A 60 -6.51 1.54 -3.42
N ARG A 61 -5.65 0.75 -2.75
CA ARG A 61 -4.25 1.14 -2.60
C ARG A 61 -3.42 0.43 -3.67
N ILE A 62 -2.65 1.23 -4.41
CA ILE A 62 -2.00 0.75 -5.63
C ILE A 62 -0.52 1.18 -5.59
N TRP A 63 0.32 0.51 -6.38
CA TRP A 63 1.72 0.91 -6.52
C TRP A 63 1.83 2.04 -7.55
N GLY A 64 2.64 3.04 -7.26
CA GLY A 64 2.96 4.09 -8.24
C GLY A 64 4.42 4.14 -8.54
N PHE A 65 5.04 2.98 -8.63
CA PHE A 65 6.48 2.90 -8.86
C PHE A 65 6.81 1.72 -9.80
N LEU A 66 7.94 1.90 -10.52
CA LEU A 66 8.50 0.77 -11.26
C LEU A 66 9.92 1.17 -11.49
N ASP A 67 10.79 0.73 -10.57
CA ASP A 67 12.18 1.24 -10.53
C ASP A 67 13.15 0.24 -11.10
N GLY A 68 14.03 0.72 -11.98
CA GLY A 68 15.11 -0.11 -12.48
C GLY A 68 14.84 -0.68 -13.85
N GLU A 69 15.92 -0.72 -14.64
CA GLU A 69 15.73 -1.12 -16.05
C GLU A 69 15.25 -2.62 -16.15
N SER A 70 15.75 -3.53 -15.28
CA SER A 70 15.30 -4.90 -15.47
C SER A 70 13.86 -5.15 -15.14
N TYR A 71 13.39 -4.45 -14.12
CA TYR A 71 12.03 -4.54 -13.69
C TYR A 71 11.08 -3.96 -14.74
N CYS A 72 11.46 -2.81 -15.28
CA CYS A 72 10.65 -2.16 -16.34
C CYS A 72 10.61 -3.05 -17.58
N ARG A 73 11.78 -3.61 -17.96
CA ARG A 73 11.80 -4.48 -19.14
C ARG A 73 10.92 -5.70 -18.93
N ASP A 74 10.96 -6.26 -17.72
CA ASP A 74 10.18 -7.47 -17.44
C ASP A 74 8.66 -7.23 -17.63
N LYS A 75 8.19 -6.04 -17.31
CA LYS A 75 6.77 -5.72 -17.44
C LYS A 75 6.50 -4.99 -18.72
N ASN A 76 7.54 -4.76 -19.54
CA ASN A 76 7.45 -3.87 -20.74
C ASN A 76 6.78 -2.55 -20.41
N THR A 77 7.07 -2.05 -19.20
CA THR A 77 6.43 -0.83 -18.66
C THR A 77 7.42 -0.03 -17.93
N TYR A 78 7.53 1.27 -18.25
CA TYR A 78 8.59 2.09 -17.68
C TYR A 78 8.09 3.21 -16.84
N MET A 79 8.65 3.34 -15.65
CA MET A 79 8.42 4.57 -14.83
C MET A 79 9.70 5.21 -14.43
N HIS A 80 10.63 4.42 -13.90
CA HIS A 80 11.87 5.05 -13.37
C HIS A 80 13.00 4.06 -13.64
N PRO A 81 13.36 3.86 -14.94
CA PRO A 81 14.35 2.80 -15.29
C PRO A 81 15.78 3.14 -14.81
N GLU A 82 16.13 4.41 -14.73
CA GLU A 82 17.53 4.85 -14.33
C GLU A 82 17.40 6.19 -13.60
N PRO A 83 18.45 6.64 -12.92
CA PRO A 83 18.30 7.95 -12.29
C PRO A 83 18.05 9.07 -13.33
N GLY A 84 17.08 9.93 -13.02
CA GLY A 84 16.79 11.09 -13.88
C GLY A 84 16.05 10.67 -15.16
N VAL A 85 15.65 9.40 -15.31
CA VAL A 85 14.84 8.98 -16.50
C VAL A 85 13.45 8.57 -16.03
N PHE A 86 12.43 9.30 -16.46
CA PHE A 86 11.05 9.09 -16.01
C PHE A 86 10.28 8.75 -17.27
N GLY A 87 9.48 7.73 -17.19
CA GLY A 87 8.79 7.15 -18.34
C GLY A 87 9.70 6.31 -19.17
N VAL A 88 9.36 6.22 -20.47
CA VAL A 88 10.08 5.28 -21.37
C VAL A 88 11.37 5.96 -21.84
N PRO A 89 12.52 5.23 -21.78
CA PRO A 89 13.81 5.76 -22.28
C PRO A 89 13.67 6.16 -23.77
N GLU A 90 14.36 7.25 -24.13
CA GLU A 90 14.48 7.60 -25.53
C GLU A 90 15.06 6.39 -26.23
N GLY A 91 14.48 6.00 -27.33
CA GLY A 91 15.19 4.81 -27.96
C GLY A 91 14.71 3.43 -27.57
N ILE A 92 13.81 3.31 -26.60
CA ILE A 92 13.06 2.09 -26.49
C ILE A 92 11.69 2.33 -27.13
N SER A 93 11.30 1.42 -28.01
CA SER A 93 10.00 1.54 -28.67
C SER A 93 9.07 0.41 -28.27
N ASN A 94 7.79 0.55 -28.59
CA ASN A 94 6.81 -0.53 -28.32
C ASN A 94 6.71 -0.93 -26.81
N ALA A 95 6.94 0.06 -25.96
CA ALA A 95 6.91 -0.14 -24.49
C ALA A 95 5.77 0.65 -23.91
N GLN A 96 5.22 0.20 -22.80
CA GLN A 96 4.18 1.06 -22.10
C GLN A 96 4.86 2.04 -21.19
N ASN A 97 4.21 3.19 -21.04
CA ASN A 97 4.69 4.17 -20.08
C ASN A 97 3.80 3.94 -18.82
N GLY A 98 4.42 3.61 -17.69
CA GLY A 98 3.65 3.33 -16.46
C GLY A 98 2.84 4.55 -16.00
N PHE A 99 3.30 5.76 -16.37
CA PHE A 99 2.48 6.95 -16.06
C PHE A 99 1.19 6.95 -16.85
N GLU A 100 1.25 6.49 -18.10
CA GLU A 100 0.01 6.42 -18.90
C GLU A 100 -0.95 5.34 -18.33
N ARG A 101 -0.38 4.20 -17.84
CA ARG A 101 -1.23 3.18 -17.26
C ARG A 101 -1.81 3.72 -15.96
N LEU A 102 -1.01 4.38 -15.10
CA LEU A 102 -1.50 4.97 -13.86
C LEU A 102 -2.57 6.07 -14.24
N ASP A 103 -2.34 6.84 -15.30
CA ASP A 103 -3.34 7.79 -15.79
C ASP A 103 -4.67 7.10 -16.07
N TYR A 104 -4.65 5.96 -16.79
CA TYR A 104 -5.84 5.26 -17.15
C TYR A 104 -6.54 4.79 -15.87
N THR A 105 -5.76 4.16 -15.00
CA THR A 105 -6.35 3.71 -13.73
C THR A 105 -7.01 4.88 -12.98
N ILE A 106 -6.33 6.00 -12.90
CA ILE A 106 -6.88 7.13 -12.11
C ILE A 106 -8.16 7.66 -12.82
N ALA A 107 -8.12 7.81 -14.17
CA ALA A 107 -9.31 8.29 -14.89
C ALA A 107 -10.49 7.28 -14.71
N LYS A 108 -10.22 5.97 -14.77
CA LYS A 108 -11.30 4.98 -14.63
C LYS A 108 -11.77 5.00 -13.17
N ALA A 109 -10.86 5.14 -12.20
CA ALA A 109 -11.30 5.23 -10.81
C ALA A 109 -12.23 6.42 -10.58
N LYS A 110 -11.92 7.56 -11.23
CA LYS A 110 -12.76 8.73 -11.10
C LYS A 110 -14.17 8.40 -11.59
N GLU A 111 -14.28 7.78 -12.74
CA GLU A 111 -15.57 7.37 -13.39
C GLU A 111 -16.34 6.43 -12.49
N LEU A 112 -15.62 5.54 -11.77
CA LEU A 112 -16.28 4.55 -10.95
C LEU A 112 -16.39 4.92 -9.47
N GLY A 113 -15.94 6.13 -9.13
CA GLY A 113 -16.03 6.64 -7.78
C GLY A 113 -15.13 5.97 -6.78
N ILE A 114 -14.00 5.50 -7.22
CA ILE A 114 -13.07 4.75 -6.28
C ILE A 114 -11.96 5.72 -5.87
N LYS A 115 -11.66 5.87 -4.61
CA LYS A 115 -10.56 6.77 -4.14
C LYS A 115 -9.25 5.91 -4.13
N LEU A 116 -8.11 6.56 -4.42
CA LEU A 116 -6.85 5.77 -4.51
C LEU A 116 -5.86 6.22 -3.47
N ILE A 117 -5.09 5.26 -2.93
CA ILE A 117 -3.88 5.56 -2.16
C ILE A 117 -2.75 5.13 -3.04
N ILE A 118 -1.81 6.03 -3.38
CA ILE A 118 -0.75 5.67 -4.31
C ILE A 118 0.55 5.64 -3.54
N VAL A 119 1.25 4.51 -3.62
CA VAL A 119 2.49 4.28 -2.82
C VAL A 119 3.67 4.57 -3.76
N LEU A 120 4.71 5.22 -3.23
CA LEU A 120 5.74 5.84 -4.09
C LEU A 120 7.05 5.08 -4.25
N VAL A 121 7.31 4.12 -3.33
CA VAL A 121 8.47 3.17 -3.52
C VAL A 121 8.19 1.93 -2.73
N ASN A 122 8.89 0.84 -3.03
CA ASN A 122 8.67 -0.37 -2.25
C ASN A 122 9.83 -0.56 -1.27
N ASN A 123 9.57 -0.98 -0.06
CA ASN A 123 10.67 -1.48 0.77
C ASN A 123 11.35 -2.70 0.19
N TRP A 124 10.55 -3.54 -0.44
CA TRP A 124 10.99 -4.83 -0.97
C TRP A 124 11.52 -4.72 -2.38
N ASP A 125 12.03 -5.80 -2.93
CA ASP A 125 12.74 -5.70 -4.22
C ASP A 125 11.75 -5.79 -5.42
N ASP A 126 10.48 -6.22 -5.23
CA ASP A 126 9.50 -6.32 -6.32
C ASP A 126 9.36 -4.91 -6.90
N PHE A 127 9.43 -4.79 -8.21
CA PHE A 127 9.36 -3.50 -8.91
C PHE A 127 10.54 -2.59 -8.53
N GLY A 128 11.67 -3.24 -8.18
CA GLY A 128 12.94 -2.58 -7.92
C GLY A 128 13.12 -2.20 -6.47
N GLY A 129 12.27 -1.28 -6.00
CA GLY A 129 12.29 -0.95 -4.58
C GLY A 129 13.52 -0.16 -4.15
N MET A 130 13.70 -0.05 -2.82
CA MET A 130 14.80 0.73 -2.24
C MET A 130 16.14 0.16 -2.70
N ASN A 131 16.21 -1.17 -2.79
CA ASN A 131 17.54 -1.72 -3.19
C ASN A 131 17.93 -1.31 -4.60
N GLN A 132 16.94 -1.08 -5.49
CA GLN A 132 17.29 -0.68 -6.83
C GLN A 132 17.95 0.75 -6.73
N TYR A 133 17.39 1.62 -5.89
CA TYR A 133 18.00 2.96 -5.70
C TYR A 133 19.41 2.77 -5.15
N VAL A 134 19.60 1.89 -4.20
CA VAL A 134 20.95 1.73 -3.56
C VAL A 134 21.92 1.22 -4.63
N ARG A 135 21.47 0.28 -5.46
CA ARG A 135 22.37 -0.21 -6.56
C ARG A 135 22.76 0.90 -7.55
N TRP A 136 21.79 1.76 -7.89
CA TRP A 136 22.10 2.83 -8.86
C TRP A 136 23.19 3.72 -8.30
N PHE A 137 23.20 3.94 -7.00
CA PHE A 137 24.11 4.87 -6.35
C PHE A 137 25.27 4.25 -5.65
N GLY A 138 25.46 2.95 -5.91
CA GLY A 138 26.66 2.25 -5.43
C GLY A 138 26.70 2.04 -3.94
N GLY A 139 25.56 2.07 -3.24
CA GLY A 139 25.61 1.75 -1.80
C GLY A 139 25.73 0.26 -1.56
N THR A 140 25.77 -0.10 -0.28
CA THR A 140 25.99 -1.52 0.08
C THR A 140 24.94 -2.08 1.03
N HIS A 141 23.95 -1.29 1.43
CA HIS A 141 22.96 -1.82 2.35
C HIS A 141 21.63 -1.17 1.96
N HIS A 142 20.55 -1.98 1.97
CA HIS A 142 19.19 -1.41 1.76
C HIS A 142 18.99 -0.11 2.50
N ASP A 143 19.39 -0.02 3.77
CA ASP A 143 19.04 1.17 4.58
C ASP A 143 19.82 2.44 4.15
N ASP A 144 20.81 2.27 3.23
CA ASP A 144 21.45 3.46 2.70
C ASP A 144 20.40 4.33 2.00
N PHE A 145 19.27 3.70 1.60
CA PHE A 145 18.23 4.48 0.95
C PHE A 145 17.80 5.68 1.83
N TYR A 146 17.79 5.52 3.12
CA TYR A 146 17.26 6.56 4.08
C TYR A 146 18.35 7.57 4.37
N ARG A 147 19.62 7.25 4.07
CA ARG A 147 20.76 8.00 4.62
C ARG A 147 21.51 8.76 3.57
N ASP A 148 21.65 8.25 2.37
CA ASP A 148 22.59 8.84 1.36
C ASP A 148 21.85 9.99 0.65
N GLU A 149 22.43 11.20 0.73
CA GLU A 149 21.88 12.40 0.10
C GLU A 149 21.55 12.15 -1.36
N ARG A 150 22.41 11.46 -2.10
CA ARG A 150 22.19 11.32 -3.55
C ARG A 150 20.92 10.44 -3.78
N ILE A 151 20.65 9.46 -2.91
CA ILE A 151 19.48 8.56 -3.10
C ILE A 151 18.26 9.36 -2.75
N LYS A 152 18.29 10.09 -1.61
CA LYS A 152 17.14 10.88 -1.18
C LYS A 152 16.80 11.88 -2.28
N GLU A 153 17.84 12.45 -2.91
CA GLU A 153 17.55 13.44 -3.96
C GLU A 153 16.86 12.75 -5.10
N GLU A 154 17.24 11.53 -5.48
CA GLU A 154 16.57 10.87 -6.63
C GLU A 154 15.13 10.49 -6.29
N TYR A 155 14.87 10.04 -5.07
CA TYR A 155 13.47 9.77 -4.65
C TYR A 155 12.68 11.06 -4.74
N LYS A 156 13.22 12.18 -4.26
CA LYS A 156 12.47 13.45 -4.33
C LYS A 156 12.21 13.82 -5.77
N LYS A 157 13.17 13.62 -6.64
CA LYS A 157 13.00 13.94 -8.11
C LYS A 157 11.87 13.10 -8.71
N TYR A 158 11.82 11.79 -8.35
CA TYR A 158 10.82 10.93 -8.89
C TYR A 158 9.49 11.34 -8.34
N VAL A 159 9.38 11.57 -7.02
CA VAL A 159 8.07 11.97 -6.44
C VAL A 159 7.56 13.29 -7.03
N SER A 160 8.47 14.25 -7.18
CA SER A 160 8.08 15.53 -7.83
C SER A 160 7.59 15.29 -9.26
N PHE A 161 8.28 14.47 -10.04
CA PHE A 161 7.80 14.18 -11.41
C PHE A 161 6.41 13.56 -11.39
N LEU A 162 6.17 12.62 -10.48
CA LEU A 162 4.92 11.94 -10.47
C LEU A 162 3.83 12.89 -10.03
N ILE A 163 4.03 13.61 -8.93
CA ILE A 163 2.91 14.44 -8.39
C ILE A 163 2.54 15.56 -9.38
N ASN A 164 3.55 16.02 -10.16
CA ASN A 164 3.23 17.05 -11.12
C ASN A 164 2.78 16.55 -12.48
N HIS A 165 2.67 15.24 -12.64
CA HIS A 165 2.35 14.67 -13.95
C HIS A 165 0.91 14.97 -14.38
N VAL A 166 0.70 15.40 -15.64
CA VAL A 166 -0.64 15.75 -16.09
C VAL A 166 -1.22 14.49 -16.66
N ASN A 167 -2.37 14.07 -16.12
CA ASN A 167 -3.02 12.84 -16.57
C ASN A 167 -3.54 13.00 -18.00
N VAL A 168 -3.13 12.12 -18.88
CA VAL A 168 -3.45 12.29 -20.31
C VAL A 168 -4.90 11.99 -20.61
N TYR A 169 -5.65 11.48 -19.66
CA TYR A 169 -7.08 11.14 -19.90
C TYR A 169 -7.96 12.18 -19.23
N THR A 170 -7.41 13.03 -18.36
CA THR A 170 -8.23 14.05 -17.66
C THR A 170 -7.77 15.46 -17.81
N GLY A 171 -6.49 15.69 -18.12
CA GLY A 171 -5.99 17.04 -18.12
C GLY A 171 -5.54 17.57 -16.79
N VAL A 172 -5.79 16.81 -15.71
CA VAL A 172 -5.57 17.33 -14.34
C VAL A 172 -4.28 16.67 -13.82
N PRO A 173 -3.32 17.52 -13.34
CA PRO A 173 -2.13 16.88 -12.71
C PRO A 173 -2.53 16.13 -11.48
N TYR A 174 -1.72 15.15 -11.11
CA TYR A 174 -2.06 14.33 -9.97
C TYR A 174 -2.22 15.17 -8.70
N ARG A 175 -1.40 16.24 -8.58
CA ARG A 175 -1.42 17.22 -7.43
C ARG A 175 -2.84 17.72 -7.21
N GLU A 176 -3.63 17.87 -8.30
CA GLU A 176 -4.94 18.51 -8.16
C GLU A 176 -6.08 17.49 -8.36
N GLU A 177 -5.78 16.18 -8.37
CA GLU A 177 -6.79 15.17 -8.68
C GLU A 177 -7.53 14.67 -7.44
N PRO A 178 -8.85 14.94 -7.35
CA PRO A 178 -9.54 14.52 -6.13
C PRO A 178 -9.78 12.98 -5.98
N THR A 179 -9.65 12.22 -7.06
CA THR A 179 -9.82 10.77 -6.89
C THR A 179 -8.66 10.18 -6.13
N ILE A 180 -7.53 10.86 -6.09
CA ILE A 180 -6.39 10.39 -5.25
C ILE A 180 -6.69 10.83 -3.83
N MET A 181 -6.79 9.91 -2.86
CA MET A 181 -7.00 10.28 -1.48
C MET A 181 -5.68 10.60 -0.76
N ALA A 182 -4.61 9.84 -1.02
CA ALA A 182 -3.40 10.03 -0.23
C ALA A 182 -2.20 9.58 -1.05
N TRP A 183 -1.09 10.27 -0.80
CA TRP A 183 0.25 9.73 -1.15
C TRP A 183 0.78 8.92 -0.05
N GLU A 184 1.47 7.80 -0.38
CA GLU A 184 2.08 7.07 0.68
C GLU A 184 3.58 6.96 0.38
N LEU A 185 4.42 7.21 1.41
CA LEU A 185 5.84 7.32 1.18
C LEU A 185 6.48 6.00 0.67
N ALA A 186 6.13 4.87 1.29
CA ALA A 186 6.89 3.63 1.02
C ALA A 186 6.13 2.45 1.49
N ASN A 187 6.04 1.43 0.68
CA ASN A 187 5.39 0.22 1.12
C ASN A 187 6.22 -0.58 2.16
N GLU A 188 5.74 -0.70 3.41
CA GLU A 188 6.38 -1.59 4.41
C GLU A 188 7.83 -1.23 4.68
N LEU A 189 8.15 0.05 4.72
CA LEU A 189 9.53 0.49 4.97
C LEU A 189 10.05 -0.07 6.33
N ARG A 190 11.27 -0.59 6.29
CA ARG A 190 11.95 -1.04 7.52
C ARG A 190 13.35 -0.47 7.50
N CYS A 191 13.95 -0.42 8.67
CA CYS A 191 15.36 0.04 8.77
C CYS A 191 15.99 -0.76 9.93
N GLU A 192 16.32 -1.98 9.62
CA GLU A 192 16.80 -2.91 10.70
C GLU A 192 18.14 -2.43 11.27
N THR A 193 18.90 -1.61 10.50
CA THR A 193 20.19 -1.09 11.02
C THR A 193 20.04 0.01 12.05
N ASP A 194 18.79 0.48 12.34
CA ASP A 194 18.66 1.48 13.40
C ASP A 194 17.43 1.14 14.21
N LYS A 195 17.61 0.30 15.20
CA LYS A 195 16.47 -0.20 15.95
C LYS A 195 15.92 0.83 16.96
N SER A 196 16.57 2.00 17.05
CA SER A 196 15.99 3.07 17.88
C SER A 196 14.75 3.66 17.19
N GLY A 197 14.64 3.48 15.87
CA GLY A 197 13.53 4.04 15.10
C GLY A 197 13.85 5.42 14.54
N ASN A 198 14.98 6.04 14.94
CA ASN A 198 15.16 7.44 14.61
C ASN A 198 15.46 7.67 13.15
N THR A 199 16.24 6.76 12.51
CA THR A 199 16.55 7.00 11.11
C THR A 199 15.27 7.05 10.28
N LEU A 200 14.36 6.10 10.49
CA LEU A 200 13.08 6.13 9.76
C LEU A 200 12.27 7.38 10.08
N VAL A 201 12.22 7.79 11.34
CA VAL A 201 11.44 8.97 11.71
C VAL A 201 11.98 10.21 10.97
N GLU A 202 13.28 10.35 10.95
CA GLU A 202 13.90 11.49 10.26
C GLU A 202 13.62 11.46 8.79
N TRP A 203 13.69 10.29 8.17
CA TRP A 203 13.42 10.26 6.73
C TRP A 203 11.93 10.55 6.49
N VAL A 204 11.03 9.98 7.31
CA VAL A 204 9.58 10.23 7.10
C VAL A 204 9.29 11.72 7.30
N LYS A 205 9.92 12.38 8.33
CA LYS A 205 9.70 13.80 8.48
C LYS A 205 10.13 14.54 7.22
N GLU A 206 11.30 14.21 6.65
CA GLU A 206 11.80 14.97 5.53
C GLU A 206 10.88 14.71 4.31
N MET A 207 10.53 13.47 4.04
CA MET A 207 9.83 13.22 2.83
C MET A 207 8.32 13.60 2.90
N SER A 208 7.66 13.37 4.05
CA SER A 208 6.25 13.84 4.22
C SER A 208 6.20 15.38 4.12
N SER A 209 7.18 16.09 4.72
CA SER A 209 7.24 17.53 4.63
C SER A 209 7.47 17.95 3.15
N TYR A 210 8.30 17.21 2.41
CA TYR A 210 8.60 17.56 1.02
C TYR A 210 7.33 17.38 0.18
N ILE A 211 6.61 16.27 0.38
CA ILE A 211 5.40 16.08 -0.41
C ILE A 211 4.36 17.15 -0.10
N LYS A 212 4.22 17.49 1.19
CA LYS A 212 3.27 18.62 1.54
C LYS A 212 3.70 19.93 0.88
N SER A 213 5.01 20.14 0.66
CA SER A 213 5.45 21.38 -0.03
C SER A 213 5.07 21.37 -1.52
N LEU A 214 4.93 20.17 -2.09
CA LEU A 214 4.60 19.98 -3.54
C LEU A 214 3.14 20.01 -3.73
N ASP A 215 2.39 19.50 -2.76
CA ASP A 215 0.98 19.23 -2.94
C ASP A 215 0.27 19.56 -1.64
N PRO A 216 -0.45 20.71 -1.64
CA PRO A 216 -1.19 21.19 -0.52
C PRO A 216 -2.59 20.55 -0.42
N ASN A 217 -2.92 19.67 -1.33
CA ASN A 217 -4.31 19.16 -1.42
C ASN A 217 -4.48 17.76 -0.74
N HIS A 218 -3.48 16.85 -0.89
CA HIS A 218 -3.70 15.50 -0.52
C HIS A 218 -3.14 15.12 0.87
N LEU A 219 -3.79 14.10 1.42
CA LEU A 219 -3.27 13.45 2.64
C LEU A 219 -1.93 12.75 2.31
N VAL A 220 -1.11 12.64 3.35
CA VAL A 220 0.17 11.87 3.27
C VAL A 220 0.19 10.84 4.37
N ALA A 221 0.46 9.57 4.00
CA ALA A 221 0.67 8.47 5.00
C ALA A 221 1.98 7.82 4.74
N VAL A 222 2.43 7.04 5.75
CA VAL A 222 3.76 6.47 5.64
C VAL A 222 3.74 5.16 4.82
N GLY A 223 2.85 4.22 5.18
CA GLY A 223 2.82 2.96 4.47
C GLY A 223 3.52 1.83 5.22
N ASP A 224 3.98 2.10 6.42
CA ASP A 224 4.64 1.08 7.25
C ASP A 224 3.66 0.05 7.80
N GLU A 225 4.27 -1.08 8.24
CA GLU A 225 3.48 -2.21 8.79
C GLU A 225 2.93 -1.97 10.22
N GLY A 226 3.40 -0.89 10.90
CA GLY A 226 2.80 -0.51 12.21
C GLY A 226 3.56 -1.13 13.37
N PHE A 227 4.80 -1.62 13.17
CA PHE A 227 5.47 -2.24 14.32
C PHE A 227 5.69 -1.28 15.47
N PHE A 228 5.69 -1.86 16.69
CA PHE A 228 5.97 -1.07 17.89
C PHE A 228 7.42 -1.26 18.29
N SER A 229 7.88 -0.43 19.22
CA SER A 229 9.28 -0.40 19.60
C SER A 229 9.37 -0.49 21.15
N ASN A 230 8.83 -1.58 21.68
CA ASN A 230 8.96 -1.93 23.12
C ASN A 230 8.25 -0.86 23.98
N TYR A 231 6.93 -0.80 23.89
CA TYR A 231 6.15 0.21 24.64
C TYR A 231 5.64 -0.41 25.92
N GLU A 232 5.70 0.32 27.03
CA GLU A 232 5.17 -0.26 28.29
C GLU A 232 3.67 -0.69 28.13
N GLY A 233 3.36 -1.94 28.50
CA GLY A 233 1.95 -2.36 28.49
C GLY A 233 1.47 -2.88 27.14
N PHE A 234 2.38 -2.99 26.18
CA PHE A 234 2.06 -3.58 24.89
C PHE A 234 2.93 -4.76 24.60
N LYS A 235 2.34 -5.95 24.71
CA LYS A 235 3.08 -7.22 24.51
C LYS A 235 2.26 -8.07 23.51
N PRO A 236 2.93 -8.92 22.74
CA PRO A 236 2.22 -9.73 21.77
C PRO A 236 1.32 -10.79 22.35
N TYR A 237 0.18 -11.03 21.73
CA TYR A 237 -0.63 -12.16 22.13
C TYR A 237 0.18 -13.51 22.11
N GLY A 238 0.16 -14.25 23.24
CA GLY A 238 0.75 -15.59 23.16
C GLY A 238 2.29 -15.63 23.14
N GLY A 239 2.90 -14.44 23.27
CA GLY A 239 4.35 -14.32 23.17
C GLY A 239 4.92 -14.54 21.80
N GLU A 240 4.08 -14.55 20.78
CA GLU A 240 4.55 -14.87 19.41
C GLU A 240 4.77 -13.59 18.60
N ALA A 241 5.66 -13.69 17.62
CA ALA A 241 5.97 -12.52 16.77
C ALA A 241 6.39 -11.31 17.67
N GLU A 242 7.22 -11.59 18.68
CA GLU A 242 7.61 -10.54 19.62
C GLU A 242 8.41 -9.42 18.89
N TRP A 243 9.10 -9.78 17.81
CA TRP A 243 9.88 -8.79 17.05
C TRP A 243 8.99 -7.67 16.51
N ALA A 244 7.69 -7.98 16.26
CA ALA A 244 6.74 -6.94 15.72
C ALA A 244 6.36 -5.95 16.83
N TYR A 245 6.59 -6.33 18.11
CA TYR A 245 6.26 -5.49 19.23
C TYR A 245 7.55 -4.79 19.84
N ASN A 246 8.76 -5.33 19.54
CA ASN A 246 9.95 -4.93 20.26
C ASN A 246 10.93 -4.07 19.49
N GLY A 247 10.60 -3.67 18.24
CA GLY A 247 11.37 -2.67 17.56
C GLY A 247 12.42 -3.24 16.63
N TRP A 248 12.42 -4.55 16.36
CA TRP A 248 13.51 -5.13 15.53
C TRP A 248 13.65 -4.49 14.16
N SER A 249 12.51 -4.09 13.58
CA SER A 249 12.54 -3.63 12.21
C SER A 249 12.97 -2.15 12.12
N GLY A 250 13.15 -1.46 13.26
CA GLY A 250 13.49 -0.01 13.23
C GLY A 250 12.26 0.88 12.94
N VAL A 251 11.04 0.29 13.11
CA VAL A 251 9.77 1.04 12.93
C VAL A 251 9.30 1.36 14.36
N ASP A 252 9.12 2.64 14.71
CA ASP A 252 8.54 3.01 16.02
C ASP A 252 7.23 3.74 15.65
N TRP A 253 6.13 2.98 15.64
CA TRP A 253 4.89 3.51 15.08
C TRP A 253 4.42 4.77 15.81
N LYS A 254 4.52 4.80 17.14
CA LYS A 254 4.02 5.99 17.88
C LYS A 254 4.77 7.21 17.38
N LYS A 255 6.09 7.08 17.21
CA LYS A 255 6.90 8.25 16.81
C LYS A 255 6.55 8.62 15.37
N LEU A 256 6.24 7.65 14.52
CA LEU A 256 5.89 7.99 13.18
C LEU A 256 4.53 8.73 13.08
N LEU A 257 3.57 8.24 13.86
CA LEU A 257 2.23 8.74 13.79
C LEU A 257 2.18 10.15 14.41
N SER A 258 3.19 10.52 15.22
CA SER A 258 3.27 11.85 15.81
C SER A 258 3.85 12.91 14.92
N ILE A 259 4.26 12.54 13.70
CA ILE A 259 4.91 13.51 12.80
C ILE A 259 3.81 14.42 12.25
N GLU A 260 4.08 15.73 12.25
CA GLU A 260 3.03 16.69 11.90
C GLU A 260 2.50 16.61 10.49
N THR A 261 3.38 16.21 9.58
CA THR A 261 3.09 16.12 8.17
C THR A 261 2.64 14.72 7.77
N VAL A 262 2.36 13.85 8.73
CA VAL A 262 1.67 12.54 8.46
C VAL A 262 0.22 12.69 8.89
N ASP A 263 -0.74 12.41 8.00
CA ASP A 263 -2.13 12.72 8.35
C ASP A 263 -2.88 11.55 8.96
N PHE A 264 -2.48 10.31 8.66
CA PHE A 264 -3.19 9.17 9.30
C PHE A 264 -2.16 8.04 9.38
N GLY A 265 -2.42 7.13 10.31
CA GLY A 265 -1.51 5.98 10.55
C GLY A 265 -1.92 4.80 9.74
N THR A 266 -0.90 4.01 9.38
CA THR A 266 -1.13 2.78 8.61
C THR A 266 -0.58 1.62 9.44
N PHE A 267 -1.22 0.47 9.33
CA PHE A 267 -0.61 -0.78 9.86
C PHE A 267 -1.05 -1.93 8.99
N HIS A 268 -0.22 -2.99 8.96
CA HIS A 268 -0.51 -4.17 8.15
C HIS A 268 -0.60 -5.36 9.11
N LEU A 269 -1.07 -6.46 8.63
CA LEU A 269 -1.35 -7.59 9.56
C LEU A 269 -1.23 -8.92 8.79
N TYR A 270 -0.15 -9.69 9.09
CA TYR A 270 0.07 -10.97 8.42
C TYR A 270 0.60 -11.97 9.46
N PRO A 271 -0.25 -12.48 10.34
CA PRO A 271 0.25 -13.37 11.40
C PRO A 271 0.94 -14.58 10.79
N SER A 272 0.52 -15.10 9.63
CA SER A 272 1.19 -16.31 9.08
C SER A 272 2.64 -16.02 8.69
N HIS A 273 2.93 -14.87 8.20
CA HIS A 273 4.30 -14.51 7.81
C HIS A 273 5.16 -14.14 9.03
N TRP A 274 4.53 -13.72 10.09
CA TRP A 274 5.24 -13.13 11.18
C TRP A 274 5.61 -14.11 12.29
N GLY A 275 5.19 -15.38 12.12
CA GLY A 275 5.59 -16.43 13.07
C GLY A 275 4.50 -16.79 14.08
N VAL A 276 3.31 -16.22 13.92
CA VAL A 276 2.21 -16.62 14.83
C VAL A 276 1.73 -18.05 14.47
N SER A 277 1.27 -18.85 15.46
CA SER A 277 0.72 -20.18 15.18
C SER A 277 -0.70 -20.06 14.65
N PRO A 278 -1.14 -20.95 13.76
CA PRO A 278 -2.48 -20.81 13.19
C PRO A 278 -3.64 -20.68 14.24
N GLU A 279 -3.61 -21.48 15.31
CA GLU A 279 -4.64 -21.38 16.35
C GLU A 279 -4.63 -20.04 17.07
N ASN A 280 -3.60 -19.24 16.79
CA ASN A 280 -3.50 -17.91 17.43
C ASN A 280 -3.67 -16.76 16.41
N TYR A 281 -3.88 -17.08 15.13
CA TYR A 281 -3.97 -15.99 14.09
C TYR A 281 -5.06 -14.98 14.48
N ALA A 282 -6.24 -15.52 14.87
CA ALA A 282 -7.38 -14.62 15.11
C ALA A 282 -7.09 -13.72 16.28
N GLN A 283 -6.69 -14.31 17.44
CA GLN A 283 -6.51 -13.50 18.64
C GLN A 283 -5.29 -12.57 18.58
N TRP A 284 -4.22 -13.01 17.89
CA TRP A 284 -3.05 -12.17 17.72
C TRP A 284 -3.43 -10.91 16.90
N GLY A 285 -4.14 -11.15 15.80
CA GLY A 285 -4.62 -10.07 14.93
C GLY A 285 -5.56 -9.17 15.69
N ALA A 286 -6.45 -9.76 16.52
CA ALA A 286 -7.36 -8.94 17.26
C ALA A 286 -6.62 -8.03 18.22
N LYS A 287 -5.65 -8.58 18.96
CA LYS A 287 -4.91 -7.73 19.91
C LYS A 287 -4.12 -6.64 19.15
N TRP A 288 -3.52 -7.04 18.01
CA TRP A 288 -2.78 -6.10 17.18
C TRP A 288 -3.70 -4.92 16.78
N ILE A 289 -4.90 -5.24 16.30
CA ILE A 289 -5.84 -4.18 15.90
C ILE A 289 -6.18 -3.33 17.12
N GLU A 290 -6.57 -3.96 18.25
CA GLU A 290 -6.92 -3.20 19.45
C GLU A 290 -5.81 -2.26 19.88
N ASP A 291 -4.56 -2.79 19.84
CA ASP A 291 -3.42 -1.97 20.30
C ASP A 291 -3.21 -0.75 19.39
N HIS A 292 -3.28 -0.97 18.05
CA HIS A 292 -3.07 0.15 17.13
C HIS A 292 -4.19 1.19 17.26
N ILE A 293 -5.46 0.76 17.36
CA ILE A 293 -6.53 1.79 17.49
C ILE A 293 -6.41 2.51 18.79
N LYS A 294 -6.05 1.81 19.88
CA LYS A 294 -5.85 2.51 21.16
C LYS A 294 -4.80 3.62 21.11
N ILE A 295 -3.64 3.31 20.50
CA ILE A 295 -2.57 4.28 20.39
C ILE A 295 -3.00 5.42 19.47
N ALA A 296 -3.62 5.13 18.29
CA ALA A 296 -4.01 6.18 17.31
C ALA A 296 -5.05 7.10 17.99
N LYS A 297 -5.93 6.52 18.80
CA LYS A 297 -6.98 7.37 19.41
C LYS A 297 -6.34 8.30 20.43
N GLU A 298 -5.32 7.84 21.17
CA GLU A 298 -4.71 8.76 22.12
C GLU A 298 -3.90 9.89 21.43
N ILE A 299 -3.26 9.56 20.31
CA ILE A 299 -2.60 10.55 19.51
C ILE A 299 -3.61 11.48 18.81
N GLY A 300 -4.80 10.97 18.47
CA GLY A 300 -5.82 11.80 17.85
C GLY A 300 -5.68 11.87 16.34
N LYS A 301 -5.22 10.77 15.73
CA LYS A 301 -5.19 10.74 14.22
C LYS A 301 -5.93 9.50 13.71
N PRO A 302 -6.48 9.55 12.49
CA PRO A 302 -7.15 8.39 11.89
C PRO A 302 -6.15 7.23 11.71
N VAL A 303 -6.68 6.04 11.72
CA VAL A 303 -5.84 4.86 11.55
C VAL A 303 -6.52 3.93 10.55
N VAL A 304 -5.70 3.35 9.64
CA VAL A 304 -6.19 2.45 8.63
C VAL A 304 -5.39 1.18 8.69
N LEU A 305 -6.12 0.05 8.84
CA LEU A 305 -5.55 -1.25 8.67
C LEU A 305 -5.45 -1.41 7.15
N GLU A 306 -4.29 -1.18 6.56
CA GLU A 306 -4.24 -1.00 5.10
C GLU A 306 -3.82 -2.23 4.34
N GLU A 307 -3.31 -3.25 5.02
CA GLU A 307 -3.18 -4.58 4.41
C GLU A 307 -3.46 -5.61 5.47
N TYR A 308 -4.24 -6.62 5.17
CA TYR A 308 -4.25 -7.83 6.06
C TYR A 308 -4.58 -9.01 5.21
N GLY A 309 -4.12 -10.18 5.65
CA GLY A 309 -4.38 -11.39 4.86
C GLY A 309 -4.05 -12.62 5.69
N ILE A 310 -4.76 -13.69 5.37
CA ILE A 310 -4.44 -15.05 5.90
C ILE A 310 -4.41 -15.89 4.65
N PRO A 311 -3.43 -16.80 4.53
CA PRO A 311 -3.25 -17.59 3.28
C PRO A 311 -4.42 -18.58 3.18
N LYS A 312 -4.88 -18.80 1.94
CA LYS A 312 -6.03 -19.67 1.67
C LYS A 312 -5.82 -21.07 2.26
N SER A 313 -4.59 -21.49 2.27
CA SER A 313 -4.31 -22.86 2.80
C SER A 313 -4.13 -22.95 4.34
N ALA A 314 -4.36 -21.88 5.08
CA ALA A 314 -4.32 -21.91 6.56
C ALA A 314 -5.31 -22.90 7.12
N PRO A 315 -4.91 -23.70 8.12
CA PRO A 315 -5.90 -24.62 8.77
C PRO A 315 -6.85 -24.00 9.81
N VAL A 316 -7.47 -22.82 9.47
CA VAL A 316 -8.44 -22.19 10.32
C VAL A 316 -9.37 -21.58 9.26
N ASN A 317 -10.45 -21.09 9.74
CA ASN A 317 -11.49 -20.56 8.87
C ASN A 317 -11.12 -19.13 8.54
N ARG A 318 -10.67 -18.89 7.31
CA ARG A 318 -10.21 -17.53 6.94
C ARG A 318 -11.37 -16.53 7.04
N THR A 319 -12.55 -16.91 6.52
CA THR A 319 -13.64 -15.95 6.54
C THR A 319 -13.99 -15.53 7.97
N ALA A 320 -13.99 -16.49 8.93
CA ALA A 320 -14.35 -16.07 10.28
C ALA A 320 -13.26 -15.22 10.89
N ILE A 321 -11.97 -15.43 10.51
CA ILE A 321 -10.94 -14.52 11.03
C ILE A 321 -11.14 -13.07 10.43
N TYR A 322 -11.36 -13.02 9.12
CA TYR A 322 -11.57 -11.70 8.52
C TYR A 322 -12.82 -11.05 9.14
N ARG A 323 -13.89 -11.86 9.44
CA ARG A 323 -15.11 -11.25 10.03
C ARG A 323 -14.71 -10.62 11.38
N LEU A 324 -13.98 -11.40 12.22
CA LEU A 324 -13.53 -10.85 13.55
C LEU A 324 -12.77 -9.56 13.40
N TRP A 325 -11.81 -9.53 12.47
CA TRP A 325 -10.93 -8.35 12.36
C TRP A 325 -11.72 -7.14 11.84
N ASN A 326 -12.57 -7.35 10.82
CA ASN A 326 -13.40 -6.21 10.35
C ASN A 326 -14.37 -5.70 11.41
N ASP A 327 -14.91 -6.64 12.21
CA ASP A 327 -15.88 -6.25 13.27
C ASP A 327 -15.11 -5.40 14.25
N LEU A 328 -13.89 -5.84 14.61
CA LEU A 328 -13.11 -5.02 15.56
C LEU A 328 -12.78 -3.64 15.05
N VAL A 329 -12.28 -3.54 13.81
CA VAL A 329 -12.01 -2.21 13.29
C VAL A 329 -13.31 -1.36 13.32
N TYR A 330 -14.44 -1.98 12.92
CA TYR A 330 -15.69 -1.22 12.90
C TYR A 330 -16.09 -0.80 14.34
N ASP A 331 -16.15 -1.77 15.24
CA ASP A 331 -16.65 -1.46 16.61
C ASP A 331 -15.75 -0.54 17.39
N LEU A 332 -14.41 -0.60 17.14
CA LEU A 332 -13.52 0.25 17.92
C LEU A 332 -13.28 1.59 17.29
N GLY A 333 -13.90 1.86 16.14
CA GLY A 333 -13.79 3.24 15.56
C GLY A 333 -12.60 3.41 14.69
N GLY A 334 -12.01 2.27 14.23
CA GLY A 334 -10.98 2.42 13.18
C GLY A 334 -11.54 3.02 11.91
N ASP A 335 -10.68 3.73 11.14
CA ASP A 335 -11.20 4.43 9.95
C ASP A 335 -11.28 3.59 8.72
N GLY A 336 -10.44 2.59 8.59
CA GLY A 336 -10.58 1.76 7.37
C GLY A 336 -9.98 0.40 7.59
N ALA A 337 -10.46 -0.57 6.80
CA ALA A 337 -9.90 -1.95 6.84
C ALA A 337 -9.77 -2.37 5.37
N MET A 338 -8.53 -2.73 4.95
CA MET A 338 -8.27 -2.97 3.53
C MET A 338 -7.59 -4.32 3.43
N PHE A 339 -8.22 -5.26 2.73
CA PHE A 339 -7.63 -6.59 2.59
C PHE A 339 -6.60 -6.60 1.45
N TRP A 340 -5.59 -7.45 1.60
CA TRP A 340 -4.73 -7.75 0.51
C TRP A 340 -5.24 -9.12 0.00
N MET A 341 -5.72 -9.28 -1.26
CA MET A 341 -5.74 -8.24 -2.30
C MET A 341 -6.93 -8.56 -3.21
N LEU A 342 -7.34 -7.54 -3.99
CA LEU A 342 -8.44 -7.73 -4.92
C LEU A 342 -7.89 -7.90 -6.33
N ALA A 343 -8.36 -8.92 -7.08
CA ALA A 343 -7.98 -9.08 -8.49
C ALA A 343 -9.26 -9.20 -9.32
N GLY A 344 -9.08 -9.06 -10.62
CA GLY A 344 -10.19 -9.20 -11.53
C GLY A 344 -9.77 -10.19 -12.62
N ILE A 345 -10.33 -10.08 -13.82
CA ILE A 345 -10.09 -10.99 -14.92
C ILE A 345 -8.60 -10.98 -15.29
N GLY A 346 -8.12 -12.10 -15.80
CA GLY A 346 -6.70 -12.22 -16.22
C GLY A 346 -6.57 -12.37 -17.74
N GLU A 347 -5.33 -12.38 -18.22
CA GLU A 347 -4.98 -12.45 -19.65
C GLU A 347 -3.62 -13.07 -19.78
N GLY A 348 -3.32 -13.64 -20.96
CA GLY A 348 -1.90 -13.95 -21.29
C GLY A 348 -1.43 -15.03 -20.34
N SER A 349 -0.23 -14.85 -19.77
CA SER A 349 0.21 -15.89 -18.82
C SER A 349 -0.20 -15.58 -17.42
N ASP A 350 -1.10 -14.62 -17.25
CA ASP A 350 -1.64 -14.41 -15.95
C ASP A 350 -3.17 -14.69 -16.01
N ARG A 351 -3.52 -15.95 -16.23
CA ARG A 351 -4.93 -16.28 -16.25
C ARG A 351 -5.08 -17.69 -15.66
N ASP A 352 -6.05 -17.90 -14.78
CA ASP A 352 -6.20 -19.14 -14.07
C ASP A 352 -7.28 -20.00 -14.68
N GLU A 353 -7.63 -21.05 -13.96
CA GLU A 353 -8.60 -22.01 -14.49
C GLU A 353 -10.02 -21.42 -14.73
N ARG A 354 -10.29 -20.23 -14.13
CA ARG A 354 -11.61 -19.58 -14.30
C ARG A 354 -11.45 -18.28 -15.10
N GLY A 355 -10.23 -17.96 -15.62
CA GLY A 355 -10.06 -16.75 -16.41
C GLY A 355 -9.67 -15.56 -15.55
N TYR A 356 -9.48 -15.74 -14.23
CA TYR A 356 -9.05 -14.62 -13.37
C TYR A 356 -7.56 -14.46 -13.31
N TYR A 357 -7.11 -13.31 -12.82
CA TYR A 357 -5.67 -13.20 -12.54
C TYR A 357 -5.42 -14.25 -11.44
N PRO A 358 -4.33 -15.00 -11.53
CA PRO A 358 -4.25 -16.13 -10.58
C PRO A 358 -3.99 -15.74 -9.13
N ASP A 359 -4.32 -16.69 -8.23
CA ASP A 359 -4.06 -16.51 -6.82
C ASP A 359 -2.64 -17.00 -6.52
N TYR A 360 -1.64 -16.20 -6.87
CA TYR A 360 -0.28 -16.66 -6.74
C TYR A 360 0.17 -16.75 -5.30
N ASP A 361 -0.32 -15.89 -4.42
CA ASP A 361 0.20 -15.80 -3.05
C ASP A 361 -0.78 -16.40 -2.02
N GLY A 362 -1.97 -16.89 -2.44
CA GLY A 362 -2.94 -17.34 -1.51
C GLY A 362 -3.81 -16.30 -0.85
N PHE A 363 -3.73 -15.03 -1.30
CA PHE A 363 -4.52 -13.98 -0.64
C PHE A 363 -5.57 -13.40 -1.56
N ARG A 364 -5.62 -13.82 -2.81
CA ARG A 364 -6.46 -13.13 -3.77
C ARG A 364 -7.97 -13.32 -3.38
N ILE A 365 -8.74 -12.24 -3.52
CA ILE A 365 -10.19 -12.31 -3.47
C ILE A 365 -10.66 -11.72 -4.79
N VAL A 366 -11.71 -12.33 -5.34
CA VAL A 366 -12.30 -11.77 -6.60
C VAL A 366 -13.77 -11.59 -6.32
N ASN A 367 -14.43 -10.89 -7.25
CA ASN A 367 -15.89 -10.65 -7.07
C ASN A 367 -16.79 -11.84 -7.45
N ASP A 368 -16.69 -12.88 -6.66
CA ASP A 368 -17.42 -14.12 -6.91
C ASP A 368 -18.25 -14.50 -5.68
N ASP A 369 -18.59 -15.81 -5.59
CA ASP A 369 -19.47 -16.28 -4.48
C ASP A 369 -18.72 -16.92 -3.34
N SER A 370 -17.43 -16.61 -3.24
CA SER A 370 -16.63 -17.14 -2.14
C SER A 370 -17.17 -16.55 -0.82
N PRO A 371 -17.00 -17.27 0.32
CA PRO A 371 -17.45 -16.68 1.57
C PRO A 371 -16.66 -15.40 1.91
N GLU A 372 -15.38 -15.32 1.46
CA GLU A 372 -14.64 -14.04 1.73
C GLU A 372 -15.24 -12.85 0.97
N ALA A 373 -15.59 -13.08 -0.30
CA ALA A 373 -16.16 -11.99 -1.11
C ALA A 373 -17.51 -11.59 -0.56
N GLU A 374 -18.31 -12.55 -0.09
CA GLU A 374 -19.60 -12.23 0.51
C GLU A 374 -19.40 -11.44 1.77
N LEU A 375 -18.39 -11.80 2.59
CA LEU A 375 -18.13 -11.06 3.82
C LEU A 375 -17.71 -9.61 3.51
N ILE A 376 -16.86 -9.44 2.49
CA ILE A 376 -16.41 -8.10 2.17
C ILE A 376 -17.61 -7.25 1.71
N ARG A 377 -18.49 -7.84 0.91
CA ARG A 377 -19.71 -7.09 0.48
C ARG A 377 -20.53 -6.69 1.70
N GLU A 378 -20.67 -7.59 2.65
CA GLU A 378 -21.44 -7.32 3.85
C GLU A 378 -20.83 -6.12 4.65
N TYR A 379 -19.51 -6.13 4.85
CA TYR A 379 -18.90 -5.11 5.66
C TYR A 379 -18.77 -3.81 4.89
N ALA A 380 -18.70 -3.89 3.57
CA ALA A 380 -18.68 -2.63 2.79
C ALA A 380 -19.96 -1.83 2.97
N LYS A 381 -21.08 -2.52 3.18
CA LYS A 381 -22.31 -1.85 3.52
C LYS A 381 -22.32 -1.27 4.92
N LEU A 382 -21.69 -1.95 5.89
CA LEU A 382 -21.66 -1.46 7.26
C LEU A 382 -20.75 -0.20 7.48
N PHE A 383 -19.54 -0.22 6.89
CA PHE A 383 -18.64 0.91 7.01
C PHE A 383 -19.16 2.19 6.35
C1 CIT B . 16.65 12.13 6.75
O1 CIT B . 16.73 13.27 7.27
O2 CIT B . 16.03 12.01 5.70
C2 CIT B . 17.27 10.96 7.44
C3 CIT B . 18.78 11.01 7.36
O7 CIT B . 19.12 10.90 5.96
C4 CIT B . 19.43 9.89 8.26
C5 CIT B . 20.95 9.76 8.07
O3 CIT B . 21.50 8.88 8.78
O4 CIT B . 21.72 10.47 7.27
C6 CIT B . 19.34 12.36 7.83
O5 CIT B . 19.10 12.80 8.98
O6 CIT B . 20.00 13.01 7.00
C1 GOL C . 3.64 -10.07 -6.06
O1 GOL C . 3.37 -9.45 -4.79
C2 GOL C . 4.15 -9.04 -7.08
O2 GOL C . 5.28 -8.52 -6.45
C3 GOL C . 4.47 -9.54 -8.52
O3 GOL C . 5.69 -8.96 -9.05
#